data_5TFJ
#
_entry.id   5TFJ
#
_cell.length_a   40.142
_cell.length_b   40.142
_cell.length_c   141.742
_cell.angle_alpha   90.00
_cell.angle_beta   90.00
_cell.angle_gamma   90.00
#
_symmetry.space_group_name_H-M   'P 43'
#
loop_
_entity.id
_entity.type
_entity.pdbx_description
1 polymer 'Cystic fibrosis transmembrane conductance regulator'
2 non-polymer 'MAGNESIUM ION'
3 non-polymer "2'-DEOXYCYTIDINE-5'-TRIPHOSPHATE"
4 water water
#
_entity_poly.entity_id   1
_entity_poly.type   'polypeptide(L)'
_entity_poly.pdbx_seq_one_letter_code
;SLTTTEVVMENVTAFWEEGGTPVLKDINFKIERGQLLAVAGSTGAGKTSLLMMIMGELEPSEGKIKHSGRISFCSQFSWI
MPGTIKENIIFGVSYDEYRYRSVIKACQLEEDISKFAEKDNIVLGEGGITLSGGQRARISLARAVYKDADLYLLDSPFGY
LDVLTEKEIFESCVCKLMANKTRILVTSKMEHLKKADKILILHEGSSYFYGTFSELQNLQPDFSSKLMG
;
_entity_poly.pdbx_strand_id   A
#
loop_
_chem_comp.id
_chem_comp.type
_chem_comp.name
_chem_comp.formula
DCP non-polymer 2'-DEOXYCYTIDINE-5'-TRIPHOSPHATE 'C9 H16 N3 O13 P3'
MG non-polymer 'MAGNESIUM ION' 'Mg 2'
#
# COMPACT_ATOMS: atom_id res chain seq x y z
N THR A 5 -5.80 17.84 -8.42
CA THR A 5 -5.59 16.48 -8.92
C THR A 5 -4.21 15.97 -8.52
N GLU A 6 -4.13 14.75 -8.01
CA GLU A 6 -2.89 14.24 -7.45
C GLU A 6 -2.27 13.13 -8.28
N VAL A 7 -3.07 12.17 -8.75
CA VAL A 7 -2.59 11.11 -9.63
C VAL A 7 -3.62 10.91 -10.73
N VAL A 8 -3.14 10.83 -11.97
CA VAL A 8 -3.98 10.59 -13.14
C VAL A 8 -3.32 9.53 -14.02
N MET A 9 -4.12 8.57 -14.48
CA MET A 9 -3.76 7.79 -15.66
C MET A 9 -4.82 8.06 -16.72
N GLU A 10 -4.37 8.32 -17.93
CA GLU A 10 -5.29 8.57 -19.04
C GLU A 10 -4.89 7.68 -20.20
N ASN A 11 -5.78 6.76 -20.57
CA ASN A 11 -5.57 5.86 -21.71
C ASN A 11 -4.21 5.15 -21.65
N VAL A 12 -3.81 4.70 -20.46
CA VAL A 12 -2.46 4.14 -20.31
C VAL A 12 -2.42 2.68 -20.75
N THR A 13 -1.47 2.38 -21.65
CA THR A 13 -1.12 1.03 -22.05
C THR A 13 0.39 0.88 -21.86
N ALA A 14 0.83 -0.28 -21.38
CA ALA A 14 2.25 -0.47 -21.10
C ALA A 14 2.62 -1.94 -21.29
N PHE A 15 3.91 -2.16 -21.53
CA PHE A 15 4.47 -3.47 -21.79
C PHE A 15 5.72 -3.67 -20.93
N TRP A 16 5.87 -4.86 -20.35
CA TRP A 16 7.12 -5.19 -19.67
C TRP A 16 8.19 -5.63 -20.66
N GLU A 17 7.80 -6.25 -21.76
CA GLU A 17 8.72 -6.71 -22.79
C GLU A 17 8.24 -6.18 -24.14
N GLU A 18 9.18 -5.64 -24.92
CA GLU A 18 8.86 -5.13 -26.25
C GLU A 18 8.12 -6.20 -27.07
N GLY A 19 7.02 -5.77 -27.71
CA GLY A 19 6.27 -6.66 -28.56
C GLY A 19 5.66 -7.85 -27.86
N GLY A 20 5.46 -7.77 -26.56
CA GLY A 20 4.76 -8.80 -25.82
C GLY A 20 3.29 -8.48 -25.66
N THR A 21 2.64 -9.17 -24.68
CA THR A 21 1.28 -8.68 -24.50
C THR A 21 1.26 -7.57 -23.44
N PRO A 22 0.37 -6.60 -23.58
CA PRO A 22 0.39 -5.45 -22.66
C PRO A 22 0.04 -5.87 -21.24
N VAL A 23 0.79 -5.34 -20.27
CA VAL A 23 0.51 -5.64 -18.87
C VAL A 23 -0.61 -4.73 -18.34
N LEU A 24 -0.77 -3.55 -18.93
CA LEU A 24 -1.87 -2.64 -18.65
C LEU A 24 -2.41 -2.16 -19.98
N LYS A 25 -3.75 -2.07 -20.08
CA LYS A 25 -4.42 -1.77 -21.35
C LYS A 25 -5.47 -0.69 -21.11
N ASP A 26 -5.25 0.49 -21.70
CA ASP A 26 -6.20 1.61 -21.68
C ASP A 26 -6.77 1.83 -20.28
N ILE A 27 -5.87 2.08 -19.34
CA ILE A 27 -6.28 2.30 -17.96
C ILE A 27 -6.55 3.78 -17.71
N ASN A 28 -7.64 4.07 -16.99
CA ASN A 28 -8.03 5.44 -16.68
C ASN A 28 -8.45 5.56 -15.23
N PHE A 29 -7.88 6.55 -14.52
CA PHE A 29 -8.40 6.90 -13.21
C PHE A 29 -7.88 8.27 -12.81
N LYS A 30 -8.52 8.87 -11.80
CA LYS A 30 -7.99 10.07 -11.17
C LYS A 30 -8.20 9.98 -9.66
N ILE A 31 -7.20 10.44 -8.91
CA ILE A 31 -7.24 10.55 -7.45
C ILE A 31 -7.00 12.01 -7.10
N GLU A 32 -7.92 12.61 -6.35
CA GLU A 32 -7.64 13.93 -5.81
C GLU A 32 -6.76 13.82 -4.56
N ARG A 33 -6.13 14.93 -4.20
CA ARG A 33 -5.30 14.96 -3.01
C ARG A 33 -6.10 14.49 -1.80
N GLY A 34 -5.52 13.58 -1.02
CA GLY A 34 -6.13 13.02 0.17
C GLY A 34 -7.15 11.91 -0.06
N GLN A 35 -7.36 11.48 -1.29
CA GLN A 35 -8.34 10.43 -1.53
C GLN A 35 -7.68 9.06 -1.46
N LEU A 36 -8.52 8.03 -1.43
CA LEU A 36 -8.10 6.64 -1.39
C LEU A 36 -8.60 5.97 -2.66
N LEU A 37 -7.68 5.39 -3.44
CA LEU A 37 -8.01 4.53 -4.57
C LEU A 37 -7.75 3.08 -4.18
N ALA A 38 -8.75 2.23 -4.33
CA ALA A 38 -8.59 0.78 -4.15
C ALA A 38 -8.35 0.15 -5.51
N VAL A 39 -7.31 -0.68 -5.62
CA VAL A 39 -6.99 -1.38 -6.86
C VAL A 39 -7.13 -2.87 -6.61
N ALA A 40 -8.03 -3.52 -7.36
CA ALA A 40 -8.38 -4.90 -7.15
C ALA A 40 -8.15 -5.68 -8.44
N GLY A 41 -8.20 -7.00 -8.33
CA GLY A 41 -8.05 -7.86 -9.50
C GLY A 41 -7.28 -9.12 -9.15
N SER A 42 -7.45 -10.15 -9.99
CA SER A 42 -6.86 -11.46 -9.74
C SER A 42 -5.34 -11.42 -9.94
N THR A 43 -4.68 -12.52 -9.58
CA THR A 43 -3.22 -12.56 -9.74
C THR A 43 -2.85 -12.34 -11.20
N GLY A 44 -1.80 -11.56 -11.41
CA GLY A 44 -1.35 -11.19 -12.74
C GLY A 44 -2.17 -10.12 -13.44
N ALA A 45 -3.16 -9.53 -12.78
CA ALA A 45 -4.01 -8.55 -13.44
C ALA A 45 -3.28 -7.26 -13.80
N GLY A 46 -2.15 -6.97 -13.15
CA GLY A 46 -1.39 -5.77 -13.40
C GLY A 46 -1.34 -4.75 -12.25
N LYS A 47 -1.69 -5.16 -11.03
CA LYS A 47 -1.85 -4.20 -9.93
C LYS A 47 -0.50 -3.65 -9.48
N THR A 48 0.44 -4.53 -9.15
CA THR A 48 1.79 -4.07 -8.81
C THR A 48 2.42 -3.32 -9.97
N SER A 49 2.17 -3.76 -11.21
CA SER A 49 2.73 -3.06 -12.36
C SER A 49 2.21 -1.62 -12.43
N LEU A 50 0.93 -1.42 -12.09
CA LEU A 50 0.40 -0.06 -12.04
C LEU A 50 1.16 0.78 -11.03
N LEU A 51 1.44 0.24 -9.84
CA LEU A 51 2.24 0.97 -8.87
C LEU A 51 3.63 1.26 -9.40
N MET A 52 4.22 0.28 -10.11
CA MET A 52 5.56 0.48 -10.69
C MET A 52 5.57 1.62 -11.69
N MET A 53 4.49 1.77 -12.46
CA MET A 53 4.43 2.89 -13.39
C MET A 53 4.44 4.22 -12.66
N ILE A 54 3.69 4.33 -11.56
CA ILE A 54 3.69 5.56 -10.76
C ILE A 54 5.08 5.83 -10.19
N MET A 55 5.83 4.78 -9.88
CA MET A 55 7.18 4.92 -9.34
C MET A 55 8.24 5.07 -10.43
N GLY A 56 7.84 5.08 -11.70
CA GLY A 56 8.76 5.30 -12.79
C GLY A 56 9.58 4.10 -13.20
N GLU A 57 9.22 2.91 -12.74
CA GLU A 57 9.93 1.70 -13.15
C GLU A 57 9.36 1.10 -14.42
N LEU A 58 8.26 1.66 -14.93
CA LEU A 58 7.60 1.16 -16.12
C LEU A 58 7.03 2.35 -16.88
N GLU A 59 7.40 2.46 -18.16
CA GLU A 59 6.95 3.62 -18.90
C GLU A 59 5.77 3.27 -19.79
N PRO A 60 4.83 4.19 -19.97
CA PRO A 60 3.68 3.92 -20.81
C PRO A 60 4.07 3.91 -22.29
N SER A 61 3.45 3.01 -23.04
CA SER A 61 3.57 3.04 -24.49
C SER A 61 2.49 3.90 -25.13
N GLU A 62 1.34 4.02 -24.48
CA GLU A 62 0.28 4.94 -24.87
C GLU A 62 -0.24 5.62 -23.61
N GLY A 63 -0.77 6.83 -23.77
CA GLY A 63 -1.42 7.50 -22.67
C GLY A 63 -0.50 8.41 -21.87
N LYS A 64 -1.11 9.04 -20.85
CA LYS A 64 -0.50 10.06 -20.02
C LYS A 64 -0.63 9.69 -18.54
N ILE A 65 0.39 10.05 -17.76
CA ILE A 65 0.35 9.85 -16.31
C ILE A 65 0.78 11.13 -15.61
N LYS A 66 0.04 11.49 -14.56
CA LYS A 66 0.39 12.63 -13.71
C LYS A 66 0.61 12.14 -12.28
N HIS A 67 1.73 12.51 -11.68
CA HIS A 67 1.93 12.35 -10.25
C HIS A 67 3.14 13.19 -9.87
N SER A 68 3.08 13.82 -8.70
CA SER A 68 4.17 14.66 -8.25
C SER A 68 4.48 14.37 -6.79
N GLY A 69 5.75 14.50 -6.44
CA GLY A 69 6.14 14.42 -5.06
C GLY A 69 6.66 13.05 -4.67
N ARG A 70 6.93 12.93 -3.39
CA ARG A 70 7.64 11.77 -2.90
C ARG A 70 6.66 10.66 -2.62
N ILE A 71 7.12 9.44 -2.82
CA ILE A 71 6.31 8.24 -2.73
C ILE A 71 6.82 7.42 -1.55
N SER A 72 5.89 6.83 -0.81
CA SER A 72 6.24 5.74 0.10
C SER A 72 5.56 4.48 -0.41
N PHE A 73 6.34 3.43 -0.62
CA PHE A 73 5.85 2.18 -1.21
C PHE A 73 5.96 1.07 -0.19
N CYS A 74 4.86 0.30 -0.05
CA CYS A 74 4.84 -0.90 0.77
C CYS A 74 4.68 -2.10 -0.15
N SER A 75 5.74 -2.89 -0.27
CA SER A 75 5.70 -4.08 -1.13
C SER A 75 4.72 -5.12 -0.59
N GLN A 76 4.13 -5.91 -1.51
CA GLN A 76 3.32 -7.04 -1.08
C GLN A 76 4.15 -8.14 -0.45
N PHE A 77 5.47 -8.10 -0.59
CA PHE A 77 6.37 -9.03 0.07
C PHE A 77 7.02 -8.31 1.24
N SER A 78 6.65 -8.69 2.44
CA SER A 78 7.18 -8.04 3.64
C SER A 78 8.66 -8.35 3.78
N TRP A 79 9.40 -7.41 4.39
CA TRP A 79 10.83 -7.61 4.54
C TRP A 79 11.31 -6.92 5.80
N ILE A 80 12.40 -7.44 6.36
CA ILE A 80 13.05 -6.92 7.55
C ILE A 80 14.54 -6.83 7.25
N MET A 81 15.18 -5.78 7.74
CA MET A 81 16.64 -5.70 7.70
C MET A 81 17.19 -5.86 9.11
N PRO A 82 18.45 -6.27 9.24
CA PRO A 82 19.04 -6.42 10.58
C PRO A 82 19.01 -5.10 11.34
N GLY A 83 18.45 -5.13 12.53
CA GLY A 83 18.33 -3.96 13.37
C GLY A 83 17.13 -4.11 14.28
N THR A 84 16.94 -3.10 15.13
CA THR A 84 15.82 -3.19 16.06
C THR A 84 14.49 -2.99 15.34
N ILE A 85 13.39 -3.30 16.02
CA ILE A 85 12.09 -3.06 15.41
C ILE A 85 11.89 -1.56 15.21
N LYS A 86 12.38 -0.73 16.14
CA LYS A 86 12.30 0.71 15.94
C LYS A 86 13.11 1.15 14.73
N GLU A 87 14.33 0.62 14.57
CA GLU A 87 15.15 0.97 13.40
C GLU A 87 14.49 0.51 12.10
N ASN A 88 13.83 -0.65 12.12
CA ASN A 88 13.18 -1.13 10.90
C ASN A 88 12.01 -0.26 10.49
N ILE A 89 11.31 0.33 11.46
CA ILE A 89 10.14 1.11 11.10
C ILE A 89 10.55 2.52 10.70
N ILE A 90 11.49 3.11 11.45
CA ILE A 90 12.01 4.43 11.14
C ILE A 90 12.79 4.40 9.83
N PHE A 91 13.58 3.35 9.63
CA PHE A 91 14.36 3.07 8.42
C PHE A 91 15.01 4.32 7.84
N GLY A 92 15.87 4.94 8.64
CA GLY A 92 16.68 6.08 8.20
C GLY A 92 15.99 7.43 8.22
N VAL A 93 14.66 7.46 8.40
CA VAL A 93 13.94 8.72 8.55
C VAL A 93 14.22 9.30 9.93
N SER A 94 14.17 10.63 10.06
CA SER A 94 14.37 11.22 11.38
C SER A 94 13.31 10.72 12.36
N TYR A 95 13.70 10.59 13.63
CA TYR A 95 12.83 9.99 14.63
C TYR A 95 11.97 11.03 15.33
N ASP A 96 10.71 10.67 15.55
CA ASP A 96 9.85 11.43 16.45
C ASP A 96 9.00 10.46 17.25
N GLU A 97 9.05 10.60 18.57
CA GLU A 97 8.36 9.67 19.47
C GLU A 97 6.87 9.61 19.17
N TYR A 98 6.22 10.78 19.09
CA TYR A 98 4.77 10.79 18.92
C TYR A 98 4.37 10.13 17.60
N ARG A 99 5.05 10.52 16.51
CA ARG A 99 4.77 9.94 15.20
C ARG A 99 5.00 8.43 15.20
N TYR A 100 6.15 8.00 15.71
CA TYR A 100 6.46 6.58 15.81
C TYR A 100 5.39 5.83 16.62
N ARG A 101 5.07 6.34 17.81
CA ARG A 101 4.09 5.66 18.64
C ARG A 101 2.72 5.60 17.96
N SER A 102 2.36 6.65 17.22
CA SER A 102 1.04 6.63 16.59
C SER A 102 0.98 5.58 15.48
N VAL A 103 2.09 5.38 14.76
CA VAL A 103 2.13 4.37 13.70
C VAL A 103 2.07 2.97 14.31
N ILE A 104 2.91 2.75 15.33
CA ILE A 104 2.93 1.46 16.03
C ILE A 104 1.54 1.09 16.52
N LYS A 105 0.85 2.04 17.15
CA LYS A 105 -0.50 1.79 17.64
C LYS A 105 -1.45 1.46 16.50
N ALA A 106 -1.39 2.24 15.42
CA ALA A 106 -2.33 2.03 14.32
C ALA A 106 -2.11 0.69 13.64
N CYS A 107 -0.91 0.13 13.77
CA CYS A 107 -0.57 -1.15 13.17
C CYS A 107 -0.63 -2.31 14.17
N GLN A 108 -1.16 -2.07 15.38
CA GLN A 108 -1.31 -3.07 16.43
C GLN A 108 0.02 -3.68 16.87
N LEU A 109 1.13 -2.98 16.64
CA LEU A 109 2.43 -3.48 17.05
C LEU A 109 2.78 -3.17 18.49
N GLU A 110 2.06 -2.26 19.13
CA GLU A 110 2.30 -1.97 20.54
C GLU A 110 2.13 -3.24 21.38
N GLU A 111 1.10 -4.04 21.05
CA GLU A 111 0.88 -5.31 21.71
C GLU A 111 2.10 -6.22 21.61
N ASP A 112 2.62 -6.41 20.39
CA ASP A 112 3.77 -7.30 20.20
C ASP A 112 4.98 -6.78 20.93
N ILE A 113 5.24 -5.47 20.83
CA ILE A 113 6.47 -4.90 21.38
C ILE A 113 6.44 -4.95 22.91
N SER A 114 5.29 -4.68 23.51
CA SER A 114 5.20 -4.69 24.97
C SER A 114 5.56 -6.05 25.57
N LYS A 115 5.53 -7.12 24.79
CA LYS A 115 5.80 -8.44 25.36
C LYS A 115 7.28 -8.76 25.47
N PHE A 116 8.16 -7.96 24.87
CA PHE A 116 9.60 -8.19 24.91
C PHE A 116 10.28 -7.33 25.97
N ALA A 117 11.23 -7.94 26.67
CA ALA A 117 11.99 -7.22 27.69
C ALA A 117 12.75 -6.04 27.08
N GLU A 118 13.21 -6.18 25.83
CA GLU A 118 13.91 -5.08 25.18
C GLU A 118 12.97 -4.09 24.50
N LYS A 119 11.66 -4.36 24.49
CA LYS A 119 10.66 -3.44 23.95
C LYS A 119 11.06 -3.07 22.52
N ASP A 120 11.08 -1.78 22.16
CA ASP A 120 11.35 -1.34 20.79
C ASP A 120 12.79 -1.60 20.35
N ASN A 121 13.66 -2.01 21.27
CA ASN A 121 15.04 -2.33 20.93
C ASN A 121 15.25 -3.82 20.66
N ILE A 122 14.18 -4.62 20.61
CA ILE A 122 14.34 -6.02 20.20
C ILE A 122 14.95 -6.07 18.81
N VAL A 123 15.91 -6.98 18.64
CA VAL A 123 16.69 -7.05 17.41
C VAL A 123 16.06 -8.06 16.46
N LEU A 124 15.82 -7.62 15.23
CA LEU A 124 15.23 -8.44 14.18
C LEU A 124 16.28 -8.78 13.13
N GLY A 125 16.00 -9.81 12.35
CA GLY A 125 16.81 -10.08 11.17
C GLY A 125 18.25 -10.45 11.45
N GLU A 126 18.56 -10.90 12.67
CA GLU A 126 19.92 -11.26 13.04
C GLU A 126 20.00 -12.64 13.70
N GLY A 127 19.02 -13.51 13.41
CA GLY A 127 19.02 -14.87 13.91
C GLY A 127 18.36 -15.07 15.26
N GLY A 128 18.09 -14.00 16.00
CA GLY A 128 17.39 -14.15 17.26
C GLY A 128 15.92 -14.41 17.03
N ILE A 129 15.11 -13.35 17.19
CA ILE A 129 13.67 -13.46 16.98
C ILE A 129 13.39 -13.84 15.53
N THR A 130 12.49 -14.80 15.34
CA THR A 130 11.95 -15.10 14.02
C THR A 130 10.48 -14.66 14.05
N LEU A 131 10.16 -13.65 13.25
CA LEU A 131 8.82 -13.08 13.27
C LEU A 131 7.83 -13.93 12.47
N SER A 132 6.56 -13.83 12.86
CA SER A 132 5.49 -14.42 12.09
C SER A 132 5.28 -13.62 10.80
N GLY A 133 4.57 -14.23 9.84
CA GLY A 133 4.26 -13.53 8.61
C GLY A 133 3.47 -12.25 8.89
N GLY A 134 2.55 -12.31 9.85
CA GLY A 134 1.69 -11.17 10.12
C GLY A 134 2.45 -10.07 10.82
N GLN A 135 3.38 -10.43 11.70
CA GLN A 135 4.24 -9.44 12.31
C GLN A 135 5.11 -8.75 11.27
N ARG A 136 5.72 -9.53 10.36
CA ARG A 136 6.54 -8.93 9.33
C ARG A 136 5.72 -8.02 8.43
N ALA A 137 4.47 -8.40 8.14
CA ALA A 137 3.63 -7.53 7.32
C ALA A 137 3.29 -6.23 8.05
N ARG A 138 2.96 -6.31 9.33
CA ARG A 138 2.62 -5.07 10.03
C ARG A 138 3.82 -4.17 10.21
N ILE A 139 5.01 -4.74 10.41
CA ILE A 139 6.23 -3.95 10.46
C ILE A 139 6.49 -3.28 9.12
N SER A 140 6.32 -4.02 8.02
CA SER A 140 6.52 -3.44 6.70
C SER A 140 5.54 -2.32 6.43
N LEU A 141 4.28 -2.50 6.84
CA LEU A 141 3.29 -1.44 6.69
C LEU A 141 3.68 -0.24 7.52
N ALA A 142 4.03 -0.45 8.79
CA ALA A 142 4.44 0.66 9.65
C ALA A 142 5.62 1.42 9.05
N ARG A 143 6.60 0.70 8.49
CA ARG A 143 7.73 1.37 7.86
C ARG A 143 7.27 2.33 6.77
N ALA A 144 6.36 1.87 5.91
CA ALA A 144 5.90 2.70 4.79
C ALA A 144 5.06 3.87 5.27
N VAL A 145 4.26 3.67 6.32
CA VAL A 145 3.38 4.70 6.82
C VAL A 145 4.15 5.73 7.65
N TYR A 146 5.27 5.34 8.27
CA TYR A 146 6.05 6.29 9.05
C TYR A 146 6.73 7.32 8.13
N LYS A 147 7.19 6.88 6.98
CA LYS A 147 7.83 7.78 6.02
C LYS A 147 6.87 8.91 5.63
N ASP A 148 7.37 10.14 5.63
CA ASP A 148 6.55 11.25 5.18
C ASP A 148 6.58 11.31 3.66
N ALA A 149 5.40 11.37 3.05
CA ALA A 149 5.34 11.36 1.59
C ALA A 149 4.06 12.00 1.13
N ASP A 150 4.03 12.36 -0.16
CA ASP A 150 2.80 12.87 -0.76
C ASP A 150 1.88 11.77 -1.24
N LEU A 151 2.42 10.59 -1.54
CA LEU A 151 1.61 9.52 -2.08
C LEU A 151 2.06 8.19 -1.49
N TYR A 152 1.11 7.42 -0.96
CA TYR A 152 1.38 6.14 -0.34
C TYR A 152 0.85 5.03 -1.23
N LEU A 153 1.73 4.12 -1.63
CA LEU A 153 1.38 2.99 -2.49
C LEU A 153 1.48 1.75 -1.61
N LEU A 154 0.34 1.23 -1.20
CA LEU A 154 0.26 0.11 -0.27
C LEU A 154 -0.19 -1.12 -1.03
N ASP A 155 0.75 -1.98 -1.39
CA ASP A 155 0.49 -3.13 -2.26
C ASP A 155 0.16 -4.35 -1.40
N SER A 156 -1.12 -4.68 -1.28
CA SER A 156 -1.63 -5.83 -0.54
C SER A 156 -0.88 -5.99 0.79
N PRO A 157 -0.94 -4.97 1.67
CA PRO A 157 -0.04 -4.93 2.83
C PRO A 157 -0.50 -5.77 4.01
N PHE A 158 -1.63 -6.45 3.91
CA PHE A 158 -2.23 -7.15 5.04
C PHE A 158 -2.00 -8.65 4.96
N GLY A 159 -0.85 -9.06 4.44
CA GLY A 159 -0.57 -10.48 4.31
C GLY A 159 -0.49 -11.15 5.67
N TYR A 160 -1.02 -12.37 5.74
CA TYR A 160 -0.98 -13.24 6.93
C TYR A 160 -1.90 -12.79 8.04
N LEU A 161 -2.68 -11.73 7.86
CA LEU A 161 -3.56 -11.25 8.91
C LEU A 161 -4.93 -11.89 8.76
N ASP A 162 -5.54 -12.24 9.90
CA ASP A 162 -6.92 -12.71 9.86
C ASP A 162 -7.84 -11.56 9.47
N VAL A 163 -9.07 -11.91 9.07
CA VAL A 163 -9.92 -10.89 8.47
C VAL A 163 -10.30 -9.79 9.46
N LEU A 164 -10.45 -10.10 10.75
CA LEU A 164 -10.79 -9.03 11.70
C LEU A 164 -9.61 -8.09 11.94
N THR A 165 -8.41 -8.65 12.13
CA THR A 165 -7.23 -7.80 12.31
C THR A 165 -7.00 -6.92 11.08
N GLU A 166 -7.16 -7.50 9.89
CA GLU A 166 -7.06 -6.72 8.65
C GLU A 166 -8.05 -5.56 8.64
N LYS A 167 -9.32 -5.86 8.96
CA LYS A 167 -10.34 -4.81 9.06
C LYS A 167 -9.93 -3.73 10.05
N GLU A 168 -9.45 -4.12 11.23
CA GLU A 168 -9.14 -3.13 12.25
C GLU A 168 -7.99 -2.23 11.83
N ILE A 169 -6.97 -2.81 11.19
CA ILE A 169 -5.81 -2.02 10.79
C ILE A 169 -6.12 -1.20 9.55
N PHE A 170 -6.92 -1.73 8.62
CA PHE A 170 -7.41 -0.90 7.54
C PHE A 170 -8.08 0.36 8.09
N GLU A 171 -8.91 0.21 9.11
CA GLU A 171 -9.62 1.36 9.67
C GLU A 171 -8.67 2.26 10.47
N SER A 172 -7.86 1.68 11.36
CA SER A 172 -7.04 2.52 12.24
C SER A 172 -5.87 3.17 11.49
N CYS A 173 -5.24 2.44 10.57
CA CYS A 173 -4.07 2.98 9.87
C CYS A 173 -4.47 3.66 8.55
N VAL A 174 -5.13 2.93 7.65
CA VAL A 174 -5.34 3.47 6.31
C VAL A 174 -6.41 4.56 6.32
N CYS A 175 -7.48 4.39 7.10
CA CYS A 175 -8.59 5.34 7.10
C CYS A 175 -8.42 6.47 8.11
N LYS A 176 -7.98 6.16 9.32
CA LYS A 176 -7.94 7.19 10.36
C LYS A 176 -6.58 7.89 10.39
N LEU A 177 -5.51 7.13 10.69
CA LEU A 177 -4.19 7.73 10.80
C LEU A 177 -3.77 8.44 9.51
N MET A 178 -4.11 7.85 8.36
CA MET A 178 -3.71 8.38 7.06
C MET A 178 -4.82 9.18 6.38
N ALA A 179 -5.78 9.69 7.16
CA ALA A 179 -6.97 10.32 6.57
C ALA A 179 -6.63 11.48 5.64
N ASN A 180 -5.55 12.20 5.87
CA ASN A 180 -5.29 13.37 5.05
C ASN A 180 -4.41 13.08 3.83
N LYS A 181 -4.01 11.82 3.62
CA LYS A 181 -2.95 11.49 2.69
C LYS A 181 -3.52 10.85 1.43
N THR A 182 -2.86 11.09 0.31
CA THR A 182 -3.26 10.42 -0.92
C THR A 182 -2.73 8.98 -0.89
N ARG A 183 -3.64 8.03 -1.09
CA ARG A 183 -3.36 6.62 -0.87
C ARG A 183 -3.86 5.79 -2.04
N ILE A 184 -3.03 4.86 -2.50
CA ILE A 184 -3.46 3.81 -3.42
C ILE A 184 -3.22 2.50 -2.71
N LEU A 185 -4.29 1.75 -2.50
CA LEU A 185 -4.24 0.50 -1.75
C LEU A 185 -4.63 -0.64 -2.67
N VAL A 186 -3.71 -1.56 -2.92
CA VAL A 186 -4.04 -2.76 -3.67
C VAL A 186 -4.69 -3.73 -2.70
N THR A 187 -5.94 -4.08 -2.97
CA THR A 187 -6.75 -4.85 -2.04
C THR A 187 -7.96 -5.41 -2.78
N SER A 188 -8.46 -6.54 -2.30
CA SER A 188 -9.66 -7.15 -2.86
C SER A 188 -10.88 -7.08 -1.95
N LYS A 189 -10.72 -6.61 -0.71
CA LYS A 189 -11.73 -6.79 0.33
C LYS A 189 -12.88 -5.81 0.18
N MET A 190 -14.10 -6.31 0.36
CA MET A 190 -15.29 -5.51 0.08
C MET A 190 -15.31 -4.21 0.89
N GLU A 191 -14.98 -4.27 2.19
CA GLU A 191 -15.06 -3.04 2.99
C GLU A 191 -14.07 -2.00 2.52
N HIS A 192 -12.90 -2.44 2.03
CA HIS A 192 -11.92 -1.48 1.54
C HIS A 192 -12.41 -0.80 0.27
N LEU A 193 -13.03 -1.57 -0.64
CA LEU A 193 -13.58 -0.97 -1.84
C LEU A 193 -14.71 -0.03 -1.52
N LYS A 194 -15.51 -0.38 -0.51
CA LYS A 194 -16.66 0.44 -0.12
C LYS A 194 -16.21 1.77 0.49
N LYS A 195 -15.11 1.75 1.24
CA LYS A 195 -14.60 2.96 1.88
C LYS A 195 -13.76 3.82 0.95
N ALA A 196 -13.28 3.26 -0.16
CA ALA A 196 -12.42 3.99 -1.07
C ALA A 196 -13.22 5.08 -1.79
N ASP A 197 -12.53 6.17 -2.14
CA ASP A 197 -13.16 7.22 -2.95
C ASP A 197 -13.40 6.73 -4.37
N LYS A 198 -12.48 5.93 -4.90
CA LYS A 198 -12.60 5.32 -6.22
C LYS A 198 -12.09 3.90 -6.13
N ILE A 199 -12.62 3.05 -7.00
CA ILE A 199 -12.18 1.66 -7.13
C ILE A 199 -11.79 1.40 -8.58
N LEU A 200 -10.67 0.71 -8.76
CA LEU A 200 -10.22 0.25 -10.07
C LEU A 200 -10.02 -1.25 -9.99
N ILE A 201 -10.83 -2.01 -10.70
CA ILE A 201 -10.68 -3.46 -10.78
C ILE A 201 -10.02 -3.78 -12.11
N LEU A 202 -8.86 -4.41 -12.05
CA LEU A 202 -8.10 -4.84 -13.22
C LEU A 202 -8.37 -6.31 -13.52
N HIS A 203 -8.37 -6.65 -14.81
CA HIS A 203 -8.43 -8.04 -15.22
C HIS A 203 -7.58 -8.21 -16.46
N GLU A 204 -6.50 -8.99 -16.34
CA GLU A 204 -5.57 -9.25 -17.45
C GLU A 204 -5.16 -7.95 -18.13
N GLY A 205 -4.81 -6.96 -17.32
CA GLY A 205 -4.34 -5.69 -17.83
C GLY A 205 -5.41 -4.66 -18.10
N SER A 206 -6.66 -5.06 -18.28
CA SER A 206 -7.73 -4.15 -18.67
C SER A 206 -8.53 -3.67 -17.46
N SER A 207 -9.22 -2.55 -17.65
CA SER A 207 -10.12 -2.00 -16.63
C SER A 207 -11.43 -2.79 -16.66
N TYR A 208 -11.56 -3.70 -15.69
CA TYR A 208 -12.80 -4.45 -15.48
C TYR A 208 -13.90 -3.53 -14.99
N PHE A 209 -13.59 -2.62 -14.08
CA PHE A 209 -14.53 -1.66 -13.54
C PHE A 209 -13.74 -0.47 -12.99
N TYR A 210 -14.28 0.72 -13.21
CA TYR A 210 -13.75 1.91 -12.55
C TYR A 210 -14.89 2.83 -12.20
N GLY A 211 -14.93 3.26 -10.94
CA GLY A 211 -16.05 4.04 -10.42
C GLY A 211 -16.10 3.90 -8.90
N THR A 212 -17.29 4.05 -8.35
CA THR A 212 -17.45 3.92 -6.91
C THR A 212 -18.18 2.63 -6.55
N PHE A 213 -18.01 2.22 -5.29
CA PHE A 213 -18.77 1.08 -4.77
C PHE A 213 -20.27 1.30 -4.96
N SER A 214 -20.75 2.51 -4.69
CA SER A 214 -22.17 2.82 -4.88
C SER A 214 -22.59 2.63 -6.33
N GLU A 215 -21.76 3.09 -7.29
CA GLU A 215 -22.09 2.89 -8.70
C GLU A 215 -22.17 1.41 -9.05
N LEU A 216 -21.22 0.61 -8.55
CA LEU A 216 -21.26 -0.82 -8.81
C LEU A 216 -22.50 -1.46 -8.19
N GLN A 217 -22.87 -1.04 -6.97
CA GLN A 217 -24.10 -1.53 -6.38
C GLN A 217 -25.31 -1.21 -7.26
N ASN A 218 -25.30 -0.01 -7.89
CA ASN A 218 -26.38 0.41 -8.78
C ASN A 218 -26.52 -0.48 -10.01
N LEU A 219 -25.48 -1.24 -10.35
CA LEU A 219 -25.51 -2.05 -11.55
C LEU A 219 -26.13 -3.42 -11.27
MG MG B . 1.33 -7.77 -7.09
N1 DCP C . 5.48 -9.13 -15.39
C2 DCP C . 6.65 -9.10 -16.32
N3 DCP C . 7.90 -8.41 -15.90
C4 DCP C . 7.97 -7.77 -14.60
C5 DCP C . 6.82 -7.79 -13.68
C6 DCP C . 5.56 -8.47 -14.09
O2 DCP C . 6.59 -9.62 -17.39
N4 DCP C . 9.20 -7.10 -14.19
C1' DCP C . 4.27 -9.76 -15.80
C2' DCP C . 3.84 -10.65 -14.91
C3' DCP C . 2.23 -10.60 -15.00
C4' DCP C . 1.87 -9.33 -15.36
O4' DCP C . 3.15 -8.62 -15.74
O3' DCP C . 1.77 -11.50 -16.02
C5' DCP C . 1.26 -8.57 -14.19
O5' DCP C . 2.17 -8.71 -13.15
PA DCP C . 1.84 -7.93 -11.74
O1A DCP C . 1.56 -6.49 -12.02
O2A DCP C . 3.01 -8.16 -10.82
O3A DCP C . 0.47 -8.66 -11.25
PB DCP C . -0.35 -8.39 -9.88
O1B DCP C . -1.72 -7.87 -10.27
O2B DCP C . 0.41 -7.50 -8.96
O3B DCP C . -0.51 -9.92 -9.35
PG DCP C . -0.48 -10.42 -7.79
O1G DCP C . -1.85 -10.23 -7.19
O2G DCP C . -0.17 -11.90 -7.86
O3G DCP C . 0.55 -9.64 -7.01
#